data_9DUE
#
_entry.id   9DUE
#
_cell.length_a   47.010
_cell.length_b   62.684
_cell.length_c   88.462
_cell.angle_alpha   90.00
_cell.angle_beta   90.00
_cell.angle_gamma   90.00
#
_symmetry.space_group_name_H-M   'P 21 21 21'
#
loop_
_entity.id
_entity.type
_entity.pdbx_description
1 polymer 'Death-associated protein kinase 1'
2 non-polymer 3-chloro-6-(4-methylpiperazin-1-yl)-4-(pyridin-4-yl)pyridazine
3 non-polymer 'BORIC ACID'
4 non-polymer 'SULFATE ION'
5 water water
#
_entity_poly.entity_id   1
_entity_poly.type   'polypeptide(L)'
_entity_poly.pdbx_seq_one_letter_code
;TVFRQENVDDYYDTGEELGSGQFAVVKKCREKSTGLQYAAKFIKKRRTKSSRRGVSREDIEREVSILKEIQHPNVITLHE
VYENKTDVILILELVAGGELFDFLAEKESLTEEEATEFLKQILNGVYYLHSLQIAHFDLKPENIMLLDRNVPKPRIKIID
FGLAHKIDFGNEFKNIFGTPEFVAPEIVNYEPLGLEADMWSIGVITYILLSGASPFLGDTKQETLANVSAVNYEFEDEYF
SNTSALAKDFIRRLLVKDPKKRMTIQDSLQHPWIKPKDTQQALSSAWSHPQFEK
;
_entity_poly.pdbx_strand_id   A
#
# COMPACT_ATOMS: atom_id res chain seq x y z
N THR A 1 5.82 20.90 -12.27
CA THR A 1 6.49 21.32 -11.01
C THR A 1 7.94 20.86 -11.04
N VAL A 2 8.83 21.73 -10.54
N VAL A 2 8.86 21.72 -10.60
CA VAL A 2 10.27 21.49 -10.51
CA VAL A 2 10.25 21.30 -10.58
C VAL A 2 10.74 21.19 -9.09
C VAL A 2 10.63 21.03 -9.13
N PHE A 3 11.68 20.25 -8.96
CA PHE A 3 12.19 19.86 -7.65
C PHE A 3 13.62 20.37 -7.49
N ARG A 4 14.19 20.18 -6.29
CA ARG A 4 15.54 20.63 -6.01
C ARG A 4 16.55 19.89 -6.86
N GLN A 5 17.38 20.66 -7.59
CA GLN A 5 18.32 20.06 -8.52
C GLN A 5 19.76 20.09 -8.00
N GLU A 6 19.96 20.42 -6.73
CA GLU A 6 21.29 20.30 -6.16
C GLU A 6 21.58 18.80 -6.02
N ASN A 7 22.87 18.43 -6.01
CA ASN A 7 23.26 17.03 -5.88
C ASN A 7 22.80 16.56 -4.50
N VAL A 8 22.04 15.48 -4.44
CA VAL A 8 21.51 15.04 -3.16
C VAL A 8 22.64 14.65 -2.22
N ASP A 9 23.78 14.21 -2.79
CA ASP A 9 24.95 13.79 -2.01
C ASP A 9 25.59 14.97 -1.29
N ASP A 10 25.24 16.20 -1.66
CA ASP A 10 25.75 17.37 -0.97
C ASP A 10 25.04 17.58 0.37
N TYR A 11 23.83 17.00 0.52
CA TYR A 11 23.03 17.23 1.71
C TYR A 11 22.77 15.97 2.51
N TYR A 12 22.97 14.79 1.90
CA TYR A 12 22.71 13.52 2.56
C TYR A 12 23.81 12.51 2.28
N ASP A 13 24.01 11.59 3.23
CA ASP A 13 24.88 10.45 3.06
C ASP A 13 23.97 9.22 2.99
N THR A 14 24.19 8.33 2.02
CA THR A 14 23.38 7.14 1.87
C THR A 14 24.08 5.94 2.49
N GLY A 15 23.28 4.91 2.82
CA GLY A 15 23.75 3.70 3.45
C GLY A 15 23.17 2.45 2.81
N GLU A 16 22.64 1.56 3.66
CA GLU A 16 22.12 0.27 3.22
C GLU A 16 20.88 0.44 2.34
N GLU A 17 20.67 -0.55 1.46
CA GLU A 17 19.51 -0.55 0.60
C GLU A 17 18.32 -1.10 1.40
N LEU A 18 17.14 -0.49 1.24
CA LEU A 18 15.96 -0.84 2.01
C LEU A 18 14.86 -1.39 1.13
N GLY A 19 15.06 -1.36 -0.19
CA GLY A 19 14.03 -1.84 -1.10
C GLY A 19 14.45 -1.62 -2.55
N SER A 20 13.93 -2.49 -3.42
CA SER A 20 14.26 -2.47 -4.84
C SER A 20 13.00 -2.83 -5.62
N GLY A 21 12.65 -1.99 -6.60
CA GLY A 21 11.46 -2.18 -7.42
C GLY A 21 11.79 -2.09 -8.90
N GLN A 22 10.76 -2.18 -9.74
CA GLN A 22 10.92 -2.18 -11.19
C GLN A 22 11.68 -0.93 -11.66
N PHE A 23 11.27 0.25 -11.19
CA PHE A 23 11.91 1.48 -11.63
C PHE A 23 12.39 2.30 -10.43
N ALA A 24 12.56 1.66 -9.27
CA ALA A 24 12.97 2.39 -8.08
C ALA A 24 13.91 1.59 -7.19
N VAL A 25 14.76 2.31 -6.46
CA VAL A 25 15.65 1.72 -5.47
C VAL A 25 15.56 2.65 -4.25
N VAL A 26 15.54 2.04 -3.05
CA VAL A 26 15.42 2.80 -1.82
C VAL A 26 16.67 2.59 -0.99
N LYS A 27 17.26 3.69 -0.53
CA LYS A 27 18.45 3.62 0.30
C LYS A 27 18.25 4.41 1.59
N LYS A 28 18.73 3.85 2.70
CA LYS A 28 18.70 4.59 3.94
C LYS A 28 19.63 5.79 3.76
N CYS A 29 19.27 6.94 4.34
CA CYS A 29 20.12 8.10 4.23
C CYS A 29 20.07 8.91 5.52
N ARG A 30 21.02 9.83 5.65
CA ARG A 30 21.14 10.70 6.81
C ARG A 30 21.38 12.13 6.32
N GLU A 31 20.56 13.07 6.81
CA GLU A 31 20.69 14.47 6.44
C GLU A 31 21.87 15.06 7.21
N LYS A 32 22.79 15.68 6.49
CA LYS A 32 24.00 16.22 7.11
C LYS A 32 23.72 17.33 8.12
N SER A 33 22.74 18.19 7.84
CA SER A 33 22.47 19.35 8.68
C SER A 33 21.76 19.01 9.99
N THR A 34 21.03 17.88 10.06
CA THR A 34 20.27 17.55 11.26
C THR A 34 20.70 16.22 11.89
N GLY A 35 21.34 15.35 11.12
CA GLY A 35 21.71 14.03 11.57
C GLY A 35 20.51 13.06 11.54
N LEU A 36 19.35 13.54 11.08
CA LEU A 36 18.17 12.70 11.02
C LEU A 36 18.22 11.76 9.82
N GLN A 37 17.61 10.59 10.00
CA GLN A 37 17.63 9.54 9.00
C GLN A 37 16.29 9.45 8.28
N TYR A 38 16.38 9.05 7.01
CA TYR A 38 15.26 8.96 6.10
C TYR A 38 15.48 7.81 5.14
N ALA A 39 14.46 7.55 4.33
CA ALA A 39 14.52 6.57 3.24
C ALA A 39 14.50 7.36 1.93
N ALA A 40 15.57 7.24 1.14
CA ALA A 40 15.64 7.94 -0.14
C ALA A 40 15.20 6.99 -1.25
N LYS A 41 14.11 7.34 -1.93
N LYS A 41 14.10 7.35 -1.92
CA LYS A 41 13.60 6.51 -3.01
CA LYS A 41 13.55 6.56 -3.02
C LYS A 41 13.93 7.17 -4.35
C LYS A 41 13.94 7.19 -4.35
N PHE A 42 14.82 6.51 -5.10
CA PHE A 42 15.28 6.96 -6.40
C PHE A 42 14.40 6.33 -7.48
N ILE A 43 13.62 7.17 -8.16
CA ILE A 43 12.70 6.74 -9.19
C ILE A 43 13.26 7.14 -10.55
N LYS A 44 13.44 6.13 -11.42
CA LYS A 44 13.97 6.35 -12.75
C LYS A 44 12.96 7.08 -13.61
N LYS A 45 13.42 8.16 -14.26
CA LYS A 45 12.61 8.95 -15.18
C LYS A 45 12.61 8.33 -16.57
N ARG A 46 11.55 8.64 -17.33
CA ARG A 46 11.51 8.22 -18.73
C ARG A 46 12.49 9.07 -19.54
N ARG A 47 13.20 8.41 -20.46
CA ARG A 47 14.19 9.06 -21.30
C ARG A 47 13.58 9.65 -22.56
N THR A 48 12.43 9.12 -22.99
CA THR A 48 11.72 9.65 -24.16
C THR A 48 10.22 9.51 -23.92
N LYS A 49 9.44 10.39 -24.55
CA LYS A 49 7.99 10.39 -24.40
C LYS A 49 7.39 9.06 -24.86
N SER A 50 8.01 8.40 -25.83
CA SER A 50 7.50 7.12 -26.32
C SER A 50 8.34 5.97 -25.77
N SER A 51 8.52 5.96 -24.43
CA SER A 51 9.29 4.92 -23.76
C SER A 51 8.42 4.23 -22.71
N ARG A 52 8.70 2.94 -22.51
CA ARG A 52 7.98 2.11 -21.54
C ARG A 52 8.83 1.96 -20.28
N ARG A 53 10.12 2.32 -20.38
CA ARG A 53 11.00 2.22 -19.24
C ARG A 53 10.95 3.55 -18.48
N GLY A 54 11.05 3.47 -17.15
CA GLY A 54 11.01 4.66 -16.33
C GLY A 54 9.57 5.10 -16.06
N VAL A 55 9.42 6.10 -15.19
CA VAL A 55 8.11 6.60 -14.80
C VAL A 55 7.89 7.98 -15.46
N SER A 56 6.69 8.18 -16.01
CA SER A 56 6.35 9.44 -16.68
C SER A 56 6.36 10.57 -15.65
N ARG A 57 6.61 11.79 -16.14
CA ARG A 57 6.67 12.93 -15.24
C ARG A 57 5.29 13.16 -14.62
N GLU A 58 4.24 12.90 -15.39
CA GLU A 58 2.88 13.05 -14.90
C GLU A 58 2.65 12.13 -13.69
N ASP A 59 3.10 10.87 -13.78
CA ASP A 59 2.94 9.91 -12.70
C ASP A 59 3.75 10.33 -11.47
N ILE A 60 4.98 10.80 -11.69
CA ILE A 60 5.82 11.24 -10.58
C ILE A 60 5.19 12.44 -9.88
N GLU A 61 4.70 13.41 -10.66
CA GLU A 61 4.13 14.61 -10.07
C GLU A 61 2.86 14.29 -9.27
N ARG A 62 2.09 13.31 -9.75
CA ARG A 62 0.86 12.93 -9.06
C ARG A 62 1.21 12.35 -7.69
N GLU A 63 2.20 11.44 -7.66
CA GLU A 63 2.63 10.79 -6.43
C GLU A 63 3.13 11.85 -5.43
N VAL A 64 3.97 12.77 -5.91
CA VAL A 64 4.50 13.81 -5.03
C VAL A 64 3.38 14.70 -4.48
N SER A 65 2.40 15.05 -5.33
N SER A 65 2.42 15.05 -5.34
CA SER A 65 1.31 15.91 -4.93
CA SER A 65 1.31 15.91 -4.93
C SER A 65 0.52 15.27 -3.79
C SER A 65 0.50 15.27 -3.80
N ILE A 66 0.25 13.97 -3.93
CA ILE A 66 -0.48 13.21 -2.92
C ILE A 66 0.37 13.11 -1.64
N LEU A 67 1.64 12.74 -1.77
CA LEU A 67 2.52 12.64 -0.61
C LEU A 67 2.62 13.96 0.15
N LYS A 68 2.65 15.09 -0.56
CA LYS A 68 2.78 16.37 0.11
C LYS A 68 1.55 16.71 0.96
N GLU A 69 0.41 16.09 0.68
CA GLU A 69 -0.79 16.43 1.41
C GLU A 69 -0.96 15.64 2.70
N ILE A 70 -0.26 14.52 2.82
CA ILE A 70 -0.59 13.63 3.93
C ILE A 70 0.32 13.77 5.15
N GLN A 71 -0.34 13.66 6.32
CA GLN A 71 0.31 13.70 7.62
C GLN A 71 -0.63 12.99 8.57
N HIS A 72 -0.26 11.75 8.90
CA HIS A 72 -1.07 10.91 9.76
C HIS A 72 -0.15 9.84 10.32
N PRO A 73 -0.35 9.39 11.58
CA PRO A 73 0.52 8.36 12.16
C PRO A 73 0.66 7.06 11.39
N ASN A 74 -0.35 6.72 10.58
CA ASN A 74 -0.34 5.44 9.88
C ASN A 74 0.00 5.55 8.40
N VAL A 75 0.56 6.69 7.98
N VAL A 75 0.58 6.68 7.99
CA VAL A 75 0.96 6.87 6.59
CA VAL A 75 0.96 6.88 6.60
C VAL A 75 2.36 7.47 6.58
C VAL A 75 2.35 7.50 6.57
N ILE A 76 3.15 7.13 5.56
CA ILE A 76 4.49 7.65 5.42
C ILE A 76 4.41 9.15 5.12
N THR A 77 5.43 9.89 5.51
N THR A 77 5.45 9.90 5.55
CA THR A 77 5.40 11.28 5.13
CA THR A 77 5.57 11.35 5.43
C THR A 77 6.59 11.54 4.22
C THR A 77 6.74 11.74 4.50
N LEU A 78 6.48 12.67 3.54
CA LEU A 78 7.50 13.12 2.61
C LEU A 78 8.26 14.29 3.26
N HIS A 79 9.59 14.19 3.22
CA HIS A 79 10.47 15.19 3.79
C HIS A 79 10.93 16.21 2.75
N GLU A 80 11.43 15.73 1.61
CA GLU A 80 11.93 16.60 0.55
C GLU A 80 11.94 15.86 -0.77
N VAL A 81 12.06 16.61 -1.87
CA VAL A 81 12.15 16.01 -3.19
C VAL A 81 13.30 16.65 -3.95
N TYR A 82 14.15 15.81 -4.53
CA TYR A 82 15.27 16.21 -5.39
C TYR A 82 15.08 15.59 -6.77
N GLU A 83 15.80 16.12 -7.76
CA GLU A 83 15.76 15.50 -9.06
C GLU A 83 17.02 15.86 -9.84
N ASN A 84 17.34 14.97 -10.76
CA ASN A 84 18.40 15.19 -11.74
C ASN A 84 17.88 14.61 -13.06
N LYS A 85 18.73 14.54 -14.08
CA LYS A 85 18.30 14.07 -15.38
C LYS A 85 17.81 12.62 -15.40
N THR A 86 18.34 11.80 -14.49
N THR A 86 18.33 11.77 -14.50
CA THR A 86 18.06 10.37 -14.46
CA THR A 86 17.96 10.36 -14.54
C THR A 86 16.89 10.02 -13.55
C THR A 86 16.88 9.98 -13.53
N ASP A 87 16.85 10.67 -12.37
CA ASP A 87 15.87 10.28 -11.37
C ASP A 87 15.19 11.42 -10.63
N VAL A 88 14.03 11.07 -10.05
CA VAL A 88 13.39 11.92 -9.06
C VAL A 88 13.71 11.20 -7.75
N ILE A 89 14.13 11.95 -6.71
CA ILE A 89 14.53 11.34 -5.45
C ILE A 89 13.62 11.84 -4.33
N LEU A 90 12.82 10.93 -3.79
CA LEU A 90 11.93 11.26 -2.70
C LEU A 90 12.65 10.96 -1.38
N ILE A 91 12.75 11.97 -0.52
CA ILE A 91 13.31 11.76 0.80
C ILE A 91 12.10 11.54 1.71
N LEU A 92 11.91 10.29 2.12
CA LEU A 92 10.73 9.86 2.87
C LEU A 92 11.07 9.49 4.30
N GLU A 93 10.03 9.48 5.15
CA GLU A 93 10.19 9.04 6.53
C GLU A 93 10.74 7.61 6.53
N LEU A 94 11.71 7.34 7.41
CA LEU A 94 12.29 6.01 7.53
C LEU A 94 11.41 5.15 8.43
N VAL A 95 11.05 3.98 7.93
CA VAL A 95 10.27 3.02 8.70
C VAL A 95 11.14 1.76 8.69
N ALA A 96 11.84 1.53 9.81
CA ALA A 96 12.92 0.57 9.83
C ALA A 96 12.60 -0.82 10.39
N GLY A 97 11.33 -1.11 10.69
CA GLY A 97 10.94 -2.40 11.25
C GLY A 97 10.60 -3.47 10.20
N GLY A 98 10.75 -3.15 8.92
CA GLY A 98 10.50 -4.13 7.87
C GLY A 98 9.03 -4.20 7.47
N GLU A 99 8.77 -5.02 6.44
CA GLU A 99 7.43 -5.18 5.89
C GLU A 99 6.57 -6.10 6.76
N LEU A 100 5.27 -5.82 6.76
CA LEU A 100 4.30 -6.67 7.42
C LEU A 100 4.41 -8.05 6.79
N PHE A 101 4.72 -8.07 5.49
CA PHE A 101 4.91 -9.31 4.74
C PHE A 101 5.98 -10.19 5.40
N ASP A 102 7.11 -9.58 5.79
CA ASP A 102 8.21 -10.33 6.38
C ASP A 102 7.87 -10.75 7.81
N PHE A 103 7.10 -9.91 8.51
CA PHE A 103 6.70 -10.21 9.87
C PHE A 103 5.77 -11.43 9.86
N LEU A 104 4.87 -11.48 8.88
CA LEU A 104 3.93 -12.58 8.74
C LEU A 104 4.66 -13.87 8.43
N ALA A 105 5.68 -13.79 7.56
CA ALA A 105 6.45 -14.97 7.19
C ALA A 105 7.11 -15.59 8.43
N GLU A 106 7.38 -14.77 9.44
CA GLU A 106 8.03 -15.23 10.66
C GLU A 106 7.04 -15.92 11.60
N LYS A 107 5.78 -15.47 11.59
CA LYS A 107 4.77 -16.01 12.50
C LYS A 107 3.90 -17.09 11.85
N GLU A 108 3.89 -17.16 10.50
CA GLU A 108 3.07 -18.11 9.75
C GLU A 108 1.66 -17.52 9.61
N SER A 109 0.99 -17.27 10.74
CA SER A 109 -0.33 -16.65 10.76
C SER A 109 -0.53 -15.97 12.12
N LEU A 110 -1.47 -15.03 12.19
CA LEU A 110 -1.68 -14.28 13.43
C LEU A 110 -2.98 -14.70 14.12
N THR A 111 -3.04 -14.48 15.44
CA THR A 111 -4.27 -14.68 16.18
C THR A 111 -5.21 -13.55 15.75
N GLU A 112 -6.51 -13.64 16.08
CA GLU A 112 -7.43 -12.58 15.70
C GLU A 112 -7.04 -11.27 16.37
N GLU A 113 -6.59 -11.31 17.62
CA GLU A 113 -6.21 -10.07 18.30
C GLU A 113 -5.00 -9.44 17.62
N GLU A 114 -4.01 -10.24 17.23
CA GLU A 114 -2.81 -9.71 16.59
C GLU A 114 -3.20 -9.14 15.23
N ALA A 115 -4.09 -9.85 14.54
CA ALA A 115 -4.56 -9.42 13.24
C ALA A 115 -5.32 -8.09 13.36
N THR A 116 -6.23 -7.98 14.34
CA THR A 116 -7.01 -6.74 14.46
C THR A 116 -6.13 -5.58 14.95
N GLU A 117 -5.06 -5.88 15.71
CA GLU A 117 -4.14 -4.83 16.16
C GLU A 117 -3.55 -4.14 14.94
N PHE A 118 -3.18 -4.95 13.94
CA PHE A 118 -2.61 -4.40 12.72
C PHE A 118 -3.71 -3.77 11.87
N LEU A 119 -4.81 -4.51 11.74
N LEU A 119 -4.82 -4.50 11.69
CA LEU A 119 -5.90 -4.09 10.87
CA LEU A 119 -5.89 -4.03 10.83
C LEU A 119 -6.49 -2.75 11.31
C LEU A 119 -6.48 -2.71 11.31
N LYS A 120 -6.63 -2.53 12.62
CA LYS A 120 -7.17 -1.27 13.12
C LYS A 120 -6.33 -0.09 12.63
N GLN A 121 -5.01 -0.28 12.61
CA GLN A 121 -4.11 0.78 12.18
C GLN A 121 -4.23 0.99 10.67
N ILE A 122 -4.30 -0.10 9.90
CA ILE A 122 -4.47 -0.01 8.46
C ILE A 122 -5.77 0.73 8.15
N LEU A 123 -6.85 0.33 8.84
CA LEU A 123 -8.15 0.96 8.63
C LEU A 123 -8.06 2.46 8.96
N ASN A 124 -7.36 2.82 10.05
CA ASN A 124 -7.25 4.21 10.45
C ASN A 124 -6.53 5.01 9.35
N GLY A 125 -5.44 4.44 8.81
CA GLY A 125 -4.69 5.09 7.76
C GLY A 125 -5.54 5.26 6.49
N VAL A 126 -6.28 4.20 6.14
CA VAL A 126 -7.12 4.25 4.94
C VAL A 126 -8.29 5.21 5.17
N TYR A 127 -8.83 5.29 6.40
CA TYR A 127 -9.91 6.23 6.68
C TYR A 127 -9.44 7.66 6.40
N TYR A 128 -8.22 7.98 6.86
CA TYR A 128 -7.60 9.27 6.61
C TYR A 128 -7.51 9.53 5.10
N LEU A 129 -6.95 8.56 4.34
CA LEU A 129 -6.77 8.74 2.90
C LEU A 129 -8.11 8.94 2.19
N HIS A 130 -9.08 8.05 2.47
CA HIS A 130 -10.39 8.10 1.84
C HIS A 130 -11.11 9.40 2.18
N SER A 131 -10.89 9.91 3.41
CA SER A 131 -11.49 11.18 3.82
C SER A 131 -11.01 12.31 2.89
N LEU A 132 -9.78 12.15 2.41
CA LEU A 132 -9.14 13.08 1.47
C LEU A 132 -9.44 12.72 0.02
N GLN A 133 -10.29 11.70 -0.19
CA GLN A 133 -10.64 11.21 -1.52
C GLN A 133 -9.41 10.64 -2.23
N ILE A 134 -8.48 10.08 -1.45
CA ILE A 134 -7.29 9.44 -2.02
C ILE A 134 -7.49 7.92 -2.00
N ALA A 135 -7.44 7.32 -3.19
CA ALA A 135 -7.41 5.87 -3.34
C ALA A 135 -5.95 5.46 -3.44
N HIS A 136 -5.53 4.48 -2.63
CA HIS A 136 -4.13 4.01 -2.64
C HIS A 136 -3.86 3.15 -3.87
N PHE A 137 -4.74 2.16 -4.09
CA PHE A 137 -4.72 1.25 -5.24
C PHE A 137 -3.59 0.23 -5.22
N ASP A 138 -2.80 0.14 -4.14
CA ASP A 138 -1.76 -0.88 -4.13
C ASP A 138 -1.57 -1.41 -2.70
N LEU A 139 -2.67 -1.56 -1.95
CA LEU A 139 -2.57 -2.08 -0.59
C LEU A 139 -2.29 -3.58 -0.61
N LYS A 140 -1.26 -3.96 0.15
CA LYS A 140 -0.81 -5.34 0.26
C LYS A 140 0.19 -5.39 1.40
N PRO A 141 0.50 -6.58 1.97
CA PRO A 141 1.41 -6.68 3.11
C PRO A 141 2.80 -6.09 2.89
N GLU A 142 3.28 -6.10 1.63
CA GLU A 142 4.59 -5.56 1.31
C GLU A 142 4.62 -4.03 1.40
N ASN A 143 3.44 -3.37 1.33
CA ASN A 143 3.33 -1.92 1.38
C ASN A 143 2.86 -1.41 2.74
N ILE A 144 2.99 -2.27 3.76
N ILE A 144 3.01 -2.25 3.77
CA ILE A 144 2.74 -1.92 5.15
CA ILE A 144 2.64 -1.92 5.13
C ILE A 144 4.09 -2.11 5.83
C ILE A 144 3.84 -2.29 6.01
N MET A 145 4.58 -1.09 6.55
N MET A 145 4.60 -1.27 6.41
CA MET A 145 5.89 -1.16 7.17
CA MET A 145 5.80 -1.54 7.18
C MET A 145 5.74 -0.95 8.68
C MET A 145 5.56 -1.23 8.65
N LEU A 146 6.49 -1.72 9.48
CA LEU A 146 6.47 -1.56 10.92
C LEU A 146 7.56 -0.59 11.35
N LEU A 147 7.25 0.23 12.36
CA LEU A 147 8.27 1.13 12.91
C LEU A 147 9.30 0.34 13.71
N ASP A 148 8.84 -0.67 14.46
CA ASP A 148 9.71 -1.52 15.28
C ASP A 148 9.08 -2.90 15.37
N ARG A 149 9.76 -3.92 14.83
CA ARG A 149 9.19 -5.26 14.80
C ARG A 149 9.42 -6.03 16.11
N ASN A 150 10.16 -5.46 17.06
CA ASN A 150 10.46 -6.19 18.29
C ASN A 150 9.67 -5.65 19.49
N VAL A 151 8.38 -5.36 19.28
CA VAL A 151 7.49 -4.91 20.35
C VAL A 151 6.21 -5.77 20.25
N PRO A 152 5.48 -5.99 21.37
CA PRO A 152 4.29 -6.85 21.32
C PRO A 152 3.18 -6.38 20.38
N LYS A 153 3.03 -5.06 20.22
CA LYS A 153 2.00 -4.48 19.36
C LYS A 153 2.63 -3.48 18.40
N PRO A 154 3.26 -3.94 17.31
CA PRO A 154 3.93 -3.04 16.36
C PRO A 154 3.05 -1.94 15.76
N ARG A 155 3.63 -0.76 15.55
CA ARG A 155 2.98 0.36 14.90
C ARG A 155 3.28 0.29 13.40
N ILE A 156 2.30 0.60 12.56
CA ILE A 156 2.55 0.47 11.13
C ILE A 156 2.28 1.76 10.38
N LYS A 157 2.87 1.81 9.18
CA LYS A 157 2.66 2.89 8.24
C LYS A 157 2.47 2.32 6.84
N ILE A 158 1.47 2.86 6.15
CA ILE A 158 1.21 2.57 4.75
C ILE A 158 2.24 3.33 3.90
N ILE A 159 2.86 2.63 2.95
CA ILE A 159 3.83 3.24 2.05
C ILE A 159 3.46 2.97 0.59
N ASP A 160 4.28 3.52 -0.31
N ASP A 160 4.30 3.47 -0.32
CA ASP A 160 4.22 3.29 -1.75
CA ASP A 160 4.20 3.26 -1.75
C ASP A 160 2.95 3.83 -2.39
C ASP A 160 2.92 3.84 -2.33
N PHE A 161 2.97 5.15 -2.63
CA PHE A 161 1.86 5.89 -3.22
C PHE A 161 1.99 6.04 -4.74
N GLY A 162 2.74 5.12 -5.36
CA GLY A 162 3.00 5.15 -6.79
C GLY A 162 1.76 4.98 -7.67
N LEU A 163 0.70 4.33 -7.13
CA LEU A 163 -0.51 4.13 -7.91
C LEU A 163 -1.66 4.97 -7.36
N ALA A 164 -1.39 5.74 -6.30
CA ALA A 164 -2.47 6.49 -5.66
C ALA A 164 -3.04 7.58 -6.58
N HIS A 165 -4.36 7.78 -6.47
CA HIS A 165 -5.05 8.80 -7.24
C HIS A 165 -6.11 9.49 -6.41
N LYS A 166 -6.30 10.78 -6.69
CA LYS A 166 -7.40 11.55 -6.12
C LYS A 166 -8.67 11.16 -6.88
N ILE A 167 -9.74 10.88 -6.15
CA ILE A 167 -11.01 10.50 -6.77
C ILE A 167 -12.00 11.63 -6.53
N ASP A 168 -11.99 12.65 -7.40
CA ASP A 168 -12.81 13.84 -7.21
C ASP A 168 -14.22 13.69 -7.78
N PHE A 169 -14.44 12.68 -8.65
CA PHE A 169 -15.74 12.47 -9.27
C PHE A 169 -16.34 11.13 -8.84
N GLY A 170 -15.84 10.55 -7.74
CA GLY A 170 -16.42 9.29 -7.29
C GLY A 170 -15.76 8.09 -7.96
N ASN A 171 -15.23 8.29 -9.17
CA ASN A 171 -14.53 7.21 -9.83
C ASN A 171 -13.51 7.82 -10.80
N GLU A 172 -12.51 7.00 -11.17
CA GLU A 172 -11.49 7.40 -12.13
C GLU A 172 -11.40 6.29 -13.17
N PHE A 173 -11.09 6.65 -14.42
CA PHE A 173 -11.00 5.65 -15.48
C PHE A 173 -9.67 5.85 -16.19
N LYS A 174 -8.60 5.33 -15.57
CA LYS A 174 -7.23 5.49 -16.06
C LYS A 174 -6.54 4.14 -16.15
N ASN A 175 -5.27 4.17 -16.59
CA ASN A 175 -4.43 2.99 -16.66
C ASN A 175 -3.92 2.72 -15.25
N ILE A 176 -4.72 1.98 -14.46
CA ILE A 176 -4.38 1.67 -13.08
C ILE A 176 -4.53 0.16 -12.90
N PHE A 177 -3.47 -0.51 -12.40
CA PHE A 177 -3.52 -1.94 -12.15
C PHE A 177 -2.33 -2.38 -11.28
N GLY A 178 -2.63 -2.91 -10.09
CA GLY A 178 -1.60 -3.35 -9.15
C GLY A 178 -1.28 -4.84 -9.22
N THR A 179 -0.97 -5.41 -8.05
CA THR A 179 -0.57 -6.80 -7.90
C THR A 179 -1.79 -7.72 -8.03
N PRO A 180 -1.80 -8.70 -8.97
CA PRO A 180 -2.96 -9.56 -9.18
C PRO A 180 -3.65 -10.15 -7.96
N GLU A 181 -2.89 -10.62 -6.97
CA GLU A 181 -3.49 -11.25 -5.80
C GLU A 181 -4.33 -10.29 -4.96
N PHE A 182 -4.13 -8.97 -5.11
CA PHE A 182 -4.80 -8.01 -4.24
C PHE A 182 -5.74 -7.04 -4.96
N VAL A 183 -5.80 -7.08 -6.29
CA VAL A 183 -6.64 -6.14 -7.02
C VAL A 183 -8.10 -6.57 -7.01
N ALA A 184 -8.99 -5.57 -6.98
CA ALA A 184 -10.42 -5.82 -7.01
C ALA A 184 -10.91 -6.24 -8.39
N PRO A 185 -12.09 -6.87 -8.50
CA PRO A 185 -12.62 -7.27 -9.81
C PRO A 185 -12.73 -6.10 -10.80
N GLU A 186 -13.08 -4.91 -10.31
CA GLU A 186 -13.23 -3.76 -11.20
C GLU A 186 -11.90 -3.41 -11.87
N ILE A 187 -10.78 -3.64 -11.18
CA ILE A 187 -9.46 -3.42 -11.77
C ILE A 187 -9.22 -4.48 -12.84
N VAL A 188 -9.53 -5.75 -12.51
CA VAL A 188 -9.34 -6.83 -13.45
C VAL A 188 -10.12 -6.59 -14.75
N ASN A 189 -11.33 -6.06 -14.62
CA ASN A 189 -12.24 -5.87 -15.74
C ASN A 189 -12.13 -4.49 -16.39
N TYR A 190 -11.16 -3.67 -15.95
CA TYR A 190 -10.90 -2.35 -16.51
C TYR A 190 -12.15 -1.46 -16.47
N GLU A 191 -12.85 -1.52 -15.35
CA GLU A 191 -14.04 -0.71 -15.10
C GLU A 191 -13.63 0.54 -14.34
N PRO A 192 -14.51 1.56 -14.23
CA PRO A 192 -14.21 2.75 -13.44
C PRO A 192 -13.90 2.33 -12.00
N LEU A 193 -12.92 3.02 -11.41
CA LEU A 193 -12.41 2.69 -10.09
C LEU A 193 -12.66 3.82 -9.10
N GLY A 194 -12.86 3.44 -7.85
CA GLY A 194 -13.04 4.40 -6.78
C GLY A 194 -12.37 3.91 -5.50
N LEU A 195 -12.80 4.47 -4.38
CA LEU A 195 -12.27 4.13 -3.08
C LEU A 195 -12.57 2.68 -2.71
N GLU A 196 -13.60 2.08 -3.34
CA GLU A 196 -14.04 0.73 -3.01
C GLU A 196 -12.95 -0.30 -3.28
N ALA A 197 -12.09 -0.04 -4.27
CA ALA A 197 -11.06 -1.01 -4.63
C ALA A 197 -10.13 -1.30 -3.45
N ASP A 198 -9.81 -0.26 -2.68
CA ASP A 198 -8.97 -0.42 -1.49
C ASP A 198 -9.61 -1.33 -0.45
N MET A 199 -10.95 -1.27 -0.34
CA MET A 199 -11.65 -2.06 0.66
C MET A 199 -11.56 -3.56 0.32
N TRP A 200 -11.62 -3.88 -0.97
CA TRP A 200 -11.41 -5.25 -1.40
C TRP A 200 -10.01 -5.71 -0.97
N SER A 201 -8.99 -4.89 -1.27
CA SER A 201 -7.62 -5.24 -0.93
C SER A 201 -7.50 -5.53 0.57
N ILE A 202 -8.17 -4.73 1.40
CA ILE A 202 -8.16 -4.93 2.83
C ILE A 202 -8.74 -6.31 3.18
N GLY A 203 -9.78 -6.74 2.47
CA GLY A 203 -10.36 -8.06 2.68
C GLY A 203 -9.35 -9.16 2.39
N VAL A 204 -8.56 -8.99 1.32
CA VAL A 204 -7.53 -9.95 0.95
C VAL A 204 -6.45 -10.00 2.04
N ILE A 205 -5.98 -8.83 2.48
CA ILE A 205 -5.00 -8.72 3.53
C ILE A 205 -5.50 -9.43 4.79
N THR A 206 -6.76 -9.19 5.15
CA THR A 206 -7.32 -9.80 6.36
C THR A 206 -7.29 -11.33 6.26
N TYR A 207 -7.71 -11.85 5.12
CA TYR A 207 -7.72 -13.30 4.92
C TYR A 207 -6.31 -13.86 5.14
N ILE A 208 -5.31 -13.19 4.55
CA ILE A 208 -3.92 -13.62 4.64
C ILE A 208 -3.43 -13.55 6.08
N LEU A 209 -3.76 -12.48 6.79
CA LEU A 209 -3.31 -12.31 8.17
C LEU A 209 -3.80 -13.47 9.04
N LEU A 210 -5.02 -13.94 8.82
CA LEU A 210 -5.59 -14.96 9.67
C LEU A 210 -5.20 -16.39 9.29
N SER A 211 -4.79 -16.61 8.04
CA SER A 211 -4.57 -17.98 7.57
C SER A 211 -3.15 -18.25 7.08
N GLY A 212 -2.45 -17.21 6.61
CA GLY A 212 -1.16 -17.37 5.98
C GLY A 212 -1.30 -17.81 4.52
N ALA A 213 -2.54 -17.80 4.00
CA ALA A 213 -2.82 -18.22 2.63
C ALA A 213 -3.49 -17.11 1.83
N SER A 214 -3.20 -17.07 0.52
CA SER A 214 -3.72 -16.05 -0.38
C SER A 214 -5.04 -16.56 -0.98
N PRO A 215 -6.17 -15.84 -0.84
CA PRO A 215 -7.47 -16.38 -1.26
C PRO A 215 -7.74 -16.64 -2.74
N PHE A 216 -7.09 -15.90 -3.64
CA PHE A 216 -7.36 -16.03 -5.06
C PHE A 216 -6.16 -16.50 -5.88
N LEU A 217 -5.05 -16.80 -5.21
CA LEU A 217 -3.82 -17.13 -5.90
C LEU A 217 -3.91 -18.38 -6.76
N GLY A 218 -3.61 -18.20 -8.05
CA GLY A 218 -3.51 -19.29 -9.01
C GLY A 218 -2.04 -19.55 -9.34
N ASP A 219 -1.80 -20.49 -10.27
CA ASP A 219 -0.44 -20.84 -10.67
C ASP A 219 0.17 -19.83 -11.63
N THR A 220 -0.67 -18.98 -12.24
CA THR A 220 -0.21 -17.94 -13.15
C THR A 220 -0.96 -16.66 -12.82
N LYS A 221 -0.43 -15.52 -13.28
CA LYS A 221 -1.08 -14.25 -13.02
C LYS A 221 -2.47 -14.24 -13.66
N GLN A 222 -2.59 -14.79 -14.87
N GLN A 222 -2.60 -14.79 -14.88
CA GLN A 222 -3.89 -14.76 -15.54
CA GLN A 222 -3.90 -14.76 -15.53
C GLN A 222 -4.91 -15.59 -14.77
C GLN A 222 -4.91 -15.55 -14.70
N GLU A 223 -4.49 -16.69 -14.15
CA GLU A 223 -5.39 -17.52 -13.36
C GLU A 223 -5.83 -16.78 -12.10
N THR A 224 -4.88 -16.07 -11.46
CA THR A 224 -5.22 -15.28 -10.28
C THR A 224 -6.29 -14.25 -10.64
N LEU A 225 -6.07 -13.51 -11.73
CA LEU A 225 -7.00 -12.47 -12.15
C LEU A 225 -8.39 -13.05 -12.45
N ALA A 226 -8.42 -14.25 -13.05
CA ALA A 226 -9.70 -14.87 -13.38
C ALA A 226 -10.41 -15.27 -12.10
N ASN A 227 -9.67 -15.75 -11.10
CA ASN A 227 -10.22 -16.10 -9.80
C ASN A 227 -10.81 -14.87 -9.11
N VAL A 228 -10.09 -13.76 -9.17
CA VAL A 228 -10.58 -12.52 -8.56
C VAL A 228 -11.90 -12.11 -9.21
N SER A 229 -11.95 -12.09 -10.55
CA SER A 229 -13.14 -11.63 -11.26
C SER A 229 -14.36 -12.50 -10.92
N ALA A 230 -14.14 -13.81 -10.73
CA ALA A 230 -15.22 -14.74 -10.44
C ALA A 230 -15.53 -14.84 -8.94
N VAL A 231 -14.76 -14.12 -8.11
CA VAL A 231 -14.85 -14.17 -6.65
C VAL A 231 -14.71 -15.63 -6.21
N ASN A 232 -13.68 -16.26 -6.76
CA ASN A 232 -13.40 -17.67 -6.52
C ASN A 232 -12.50 -17.84 -5.30
N TYR A 233 -13.09 -17.78 -4.10
CA TYR A 233 -12.34 -18.02 -2.89
C TYR A 233 -13.28 -18.73 -1.90
N GLU A 234 -12.68 -19.40 -0.91
CA GLU A 234 -13.44 -20.05 0.16
C GLU A 234 -12.57 -20.11 1.41
N PHE A 235 -13.21 -20.26 2.56
CA PHE A 235 -12.51 -20.37 3.83
C PHE A 235 -12.17 -21.83 4.11
N GLU A 236 -10.94 -22.25 3.80
CA GLU A 236 -10.53 -23.62 4.03
C GLU A 236 -10.57 -23.96 5.52
N ASP A 237 -11.26 -25.05 5.86
CA ASP A 237 -11.40 -25.48 7.24
C ASP A 237 -10.03 -25.68 7.89
N GLU A 238 -9.06 -26.18 7.13
CA GLU A 238 -7.75 -26.46 7.71
C GLU A 238 -7.14 -25.18 8.28
N TYR A 239 -7.48 -24.05 7.68
CA TYR A 239 -6.92 -22.77 8.11
C TYR A 239 -7.87 -21.97 8.99
N PHE A 240 -9.19 -22.13 8.80
CA PHE A 240 -10.14 -21.27 9.47
C PHE A 240 -11.03 -21.98 10.50
N SER A 241 -10.78 -23.26 10.79
CA SER A 241 -11.64 -24.01 11.70
C SER A 241 -11.82 -23.33 13.05
N ASN A 242 -10.78 -22.68 13.57
CA ASN A 242 -10.90 -22.03 14.87
C ASN A 242 -10.96 -20.51 14.73
N THR A 243 -11.27 -19.99 13.54
CA THR A 243 -11.42 -18.55 13.31
C THR A 243 -12.89 -18.22 13.57
N SER A 244 -13.15 -17.10 14.26
CA SER A 244 -14.53 -16.73 14.62
C SER A 244 -15.36 -16.46 13.38
N ALA A 245 -16.67 -16.70 13.50
CA ALA A 245 -17.61 -16.41 12.43
C ALA A 245 -17.62 -14.92 12.13
N LEU A 246 -17.38 -14.08 13.14
CA LEU A 246 -17.42 -12.64 12.93
C LEU A 246 -16.24 -12.17 12.08
N ALA A 247 -15.07 -12.81 12.22
CA ALA A 247 -13.92 -12.49 11.39
C ALA A 247 -14.22 -12.84 9.93
N LYS A 248 -14.85 -14.01 9.75
CA LYS A 248 -15.23 -14.43 8.41
C LYS A 248 -16.28 -13.47 7.83
N ASP A 249 -17.20 -12.99 8.67
CA ASP A 249 -18.22 -12.06 8.23
C ASP A 249 -17.57 -10.78 7.70
N PHE A 250 -16.58 -10.27 8.43
CA PHE A 250 -15.86 -9.07 8.03
C PHE A 250 -15.26 -9.24 6.65
N ILE A 251 -14.56 -10.36 6.44
CA ILE A 251 -13.95 -10.64 5.15
C ILE A 251 -15.00 -10.76 4.07
N ARG A 252 -16.07 -11.50 4.36
CA ARG A 252 -17.12 -11.72 3.38
C ARG A 252 -17.74 -10.42 2.87
N ARG A 253 -17.84 -9.39 3.72
CA ARG A 253 -18.48 -8.15 3.33
C ARG A 253 -17.52 -7.24 2.57
N LEU A 254 -16.24 -7.62 2.49
CA LEU A 254 -15.27 -6.85 1.73
C LEU A 254 -15.02 -7.51 0.37
N LEU A 255 -15.05 -8.86 0.34
CA LEU A 255 -14.78 -9.57 -0.92
C LEU A 255 -16.08 -9.76 -1.69
N VAL A 256 -16.64 -8.62 -2.10
CA VAL A 256 -17.91 -8.51 -2.81
C VAL A 256 -17.61 -7.89 -4.18
N LYS A 257 -18.11 -8.52 -5.25
CA LYS A 257 -17.78 -8.10 -6.60
C LYS A 257 -18.30 -6.70 -6.92
N ASP A 258 -19.56 -6.44 -6.60
CA ASP A 258 -20.18 -5.15 -6.86
C ASP A 258 -19.63 -4.13 -5.86
N PRO A 259 -18.85 -3.13 -6.32
CA PRO A 259 -18.25 -2.17 -5.39
C PRO A 259 -19.28 -1.39 -4.57
N LYS A 260 -20.48 -1.18 -5.12
CA LYS A 260 -21.51 -0.44 -4.43
C LYS A 260 -22.05 -1.24 -3.23
N LYS A 261 -21.87 -2.56 -3.24
CA LYS A 261 -22.38 -3.38 -2.14
C LYS A 261 -21.30 -3.75 -1.13
N ARG A 262 -20.06 -3.37 -1.41
CA ARG A 262 -18.94 -3.67 -0.55
C ARG A 262 -18.92 -2.71 0.64
N MET A 263 -18.43 -3.17 1.82
CA MET A 263 -18.33 -2.25 2.94
C MET A 263 -17.39 -1.08 2.62
N THR A 264 -17.77 0.12 3.09
CA THR A 264 -16.92 1.31 3.00
C THR A 264 -15.96 1.29 4.19
N ILE A 265 -15.01 2.24 4.17
CA ILE A 265 -14.07 2.32 5.27
C ILE A 265 -14.82 2.63 6.56
N GLN A 266 -15.81 3.53 6.51
CA GLN A 266 -16.58 3.85 7.71
C GLN A 266 -17.32 2.61 8.21
N ASP A 267 -17.89 1.84 7.28
CA ASP A 267 -18.59 0.62 7.65
C ASP A 267 -17.66 -0.36 8.36
N SER A 268 -16.43 -0.49 7.85
N SER A 268 -16.44 -0.50 7.83
CA SER A 268 -15.47 -1.46 8.38
CA SER A 268 -15.46 -1.44 8.36
C SER A 268 -15.09 -1.10 9.82
C SER A 268 -15.08 -1.10 9.80
N LEU A 269 -15.00 0.20 10.11
CA LEU A 269 -14.65 0.66 11.44
C LEU A 269 -15.78 0.43 12.44
N GLN A 270 -17.01 0.30 11.95
CA GLN A 270 -18.16 0.09 12.84
C GLN A 270 -18.58 -1.38 12.89
N HIS A 271 -17.93 -2.23 12.08
CA HIS A 271 -18.25 -3.64 12.03
C HIS A 271 -17.98 -4.25 13.41
N PRO A 272 -18.87 -5.14 13.93
CA PRO A 272 -18.65 -5.70 15.28
C PRO A 272 -17.32 -6.39 15.59
N TRP A 273 -16.62 -6.87 14.56
CA TRP A 273 -15.34 -7.52 14.80
C TRP A 273 -14.28 -6.47 15.15
N ILE A 274 -14.46 -5.24 14.64
CA ILE A 274 -13.50 -4.16 14.80
C ILE A 274 -13.90 -3.20 15.92
N LYS A 275 -15.18 -2.81 15.96
CA LYS A 275 -15.65 -1.81 16.90
C LYS A 275 -15.41 -2.30 18.33
N PRO A 276 -14.69 -1.51 19.16
CA PRO A 276 -14.43 -1.90 20.55
C PRO A 276 -15.62 -1.63 21.45
#